data_8E5G
#
_entry.id   8E5G
#
loop_
_entity.id
_entity.type
_entity.pdbx_description
1 polymer 'c-type cytochrome'
2 non-polymer 'HEME C'
#
_entity_poly.entity_id   1
_entity_poly.type   'polypeptide(L)'
_entity_poly.pdbx_seq_one_letter_code
;MNGGKLALLMVTLAAMGTLVLPSTTSLFLGQHMWYNISGTGNNLPCEKCHADVFAEFKNNPGAHKTIGGGTDTVEHIRAA
CGECHRTSVVGTFASGDGTSATPGQEAHAAATIACMACHEFGPNGNAPYSGAPVAGGFDNVTTDTASSPYNYDNGDTTYG
TKEAHQTFIERAVEDKTLIDSNEACIACHTYVPVKINWTHKVSLEFNCTYEYNTGTSGVTTHYNVTNWTVNGTRYTTVFG
NTTGNGSVNDASNWPGWYPYSW
;
_entity_poly.pdbx_strand_id   A
#
# COMPACT_ATOMS: atom_id res chain seq x y z
N GLN A 31 18.12 -36.36 -9.66
CA GLN A 31 18.42 -35.55 -10.84
C GLN A 31 17.94 -36.26 -12.10
N HIS A 32 16.98 -37.18 -11.94
CA HIS A 32 16.42 -37.91 -13.06
C HIS A 32 14.94 -38.19 -12.90
N MET A 33 14.31 -37.67 -11.83
CA MET A 33 12.91 -37.95 -11.51
C MET A 33 12.12 -36.66 -11.27
N TRP A 34 12.27 -35.70 -12.18
CA TRP A 34 11.65 -34.39 -12.01
C TRP A 34 10.12 -34.49 -11.88
N TYR A 35 9.54 -33.47 -11.26
CA TYR A 35 8.14 -33.47 -10.86
C TYR A 35 7.20 -33.58 -12.06
N ASN A 36 5.94 -33.89 -11.76
CA ASN A 36 4.88 -33.89 -12.74
C ASN A 36 4.11 -32.58 -12.64
N ILE A 37 3.91 -31.92 -13.77
CA ILE A 37 3.17 -30.66 -13.79
C ILE A 37 1.89 -30.77 -14.59
N SER A 38 1.34 -31.99 -14.70
CA SER A 38 0.15 -32.22 -15.51
C SER A 38 -1.08 -31.50 -14.95
N GLY A 39 -1.04 -31.07 -13.70
CA GLY A 39 -2.19 -30.42 -13.11
C GLY A 39 -2.45 -29.04 -13.67
N THR A 40 -3.58 -28.47 -13.26
CA THR A 40 -3.92 -27.12 -13.63
C THR A 40 -3.33 -26.11 -12.64
N GLY A 41 -3.10 -24.90 -13.12
CA GLY A 41 -2.52 -23.88 -12.26
C GLY A 41 -1.08 -24.24 -11.89
N ASN A 42 -0.68 -23.74 -10.72
CA ASN A 42 0.63 -24.10 -10.19
C ASN A 42 0.66 -25.58 -9.85
N ASN A 43 1.71 -26.27 -10.27
CA ASN A 43 1.80 -27.72 -10.13
C ASN A 43 2.95 -28.14 -9.25
N LEU A 44 4.17 -27.70 -9.55
CA LEU A 44 5.31 -27.98 -8.71
C LEU A 44 5.14 -27.28 -7.36
N PRO A 45 5.76 -27.80 -6.31
CA PRO A 45 5.62 -27.16 -5.00
C PRO A 45 6.53 -25.95 -4.86
N CYS A 46 5.92 -24.78 -4.68
CA CYS A 46 6.68 -23.57 -4.41
C CYS A 46 7.42 -23.66 -3.08
N GLU A 47 7.09 -24.64 -2.25
CA GLU A 47 7.56 -24.70 -0.89
C GLU A 47 8.91 -25.40 -0.75
N LYS A 48 9.45 -25.94 -1.83
CA LYS A 48 10.74 -26.60 -1.76
C LYS A 48 11.83 -25.66 -1.29
N CYS A 49 11.65 -24.35 -1.45
CA CYS A 49 12.60 -23.37 -0.97
C CYS A 49 11.96 -22.20 -0.22
N HIS A 50 10.64 -22.19 -0.03
CA HIS A 50 9.95 -21.04 0.55
C HIS A 50 9.09 -21.42 1.75
N ALA A 51 9.61 -22.25 2.66
CA ALA A 51 8.78 -22.74 3.76
C ALA A 51 8.45 -21.65 4.77
N ASP A 52 9.35 -20.71 5.02
CA ASP A 52 9.11 -19.70 6.04
C ASP A 52 7.90 -18.83 5.68
N VAL A 53 7.79 -18.45 4.41
CA VAL A 53 6.64 -17.66 3.97
C VAL A 53 5.36 -18.46 4.12
N PHE A 54 5.43 -19.77 3.87
CA PHE A 54 4.28 -20.65 4.10
C PHE A 54 3.86 -20.62 5.56
N ALA A 55 4.84 -20.74 6.47
CA ALA A 55 4.51 -20.71 7.90
C ALA A 55 3.90 -19.38 8.29
N GLU A 56 4.42 -18.28 7.74
CA GLU A 56 3.84 -16.98 8.02
C GLU A 56 2.41 -16.87 7.50
N PHE A 57 2.17 -17.36 6.28
CA PHE A 57 0.87 -17.16 5.64
C PHE A 57 -0.19 -18.10 6.21
N LYS A 58 0.22 -19.27 6.71
CA LYS A 58 -0.75 -20.21 7.27
C LYS A 58 -1.46 -19.61 8.48
N ASN A 59 -0.79 -18.74 9.21
CA ASN A 59 -1.36 -18.11 10.40
C ASN A 59 -1.85 -16.69 10.11
N ASN A 60 -2.39 -16.47 8.92
CA ASN A 60 -2.84 -15.14 8.53
C ASN A 60 -4.34 -15.00 8.81
N PRO A 61 -4.75 -14.10 9.69
CA PRO A 61 -6.18 -13.79 9.85
C PRO A 61 -6.69 -12.69 8.93
N GLY A 62 -5.91 -12.29 7.93
CA GLY A 62 -6.23 -11.13 7.13
C GLY A 62 -7.29 -11.43 6.09
N ALA A 63 -7.45 -10.47 5.17
CA ALA A 63 -8.53 -10.54 4.19
C ALA A 63 -8.43 -11.78 3.31
N HIS A 64 -7.21 -12.23 3.02
CA HIS A 64 -6.97 -13.28 2.02
C HIS A 64 -6.69 -14.64 2.63
N LYS A 65 -7.42 -15.05 3.67
CA LYS A 65 -7.30 -16.43 4.13
C LYS A 65 -7.80 -17.41 3.08
N THR A 66 -8.84 -17.05 2.35
CA THR A 66 -9.49 -17.96 1.40
C THR A 66 -9.24 -17.56 -0.06
N ILE A 67 -8.18 -16.79 -0.33
CA ILE A 67 -7.86 -16.43 -1.70
C ILE A 67 -7.53 -17.67 -2.52
N GLY A 68 -6.95 -18.67 -1.87
CA GLY A 68 -6.68 -19.95 -2.50
C GLY A 68 -7.76 -21.00 -2.30
N GLY A 69 -8.91 -20.62 -1.77
CA GLY A 69 -9.98 -21.55 -1.52
C GLY A 69 -9.85 -22.36 -0.23
N GLY A 70 -8.83 -22.10 0.57
CA GLY A 70 -8.67 -22.81 1.82
C GLY A 70 -7.34 -22.47 2.45
N THR A 71 -7.18 -22.93 3.70
CA THR A 71 -5.95 -22.73 4.44
C THR A 71 -5.47 -24.04 5.05
N ASP A 72 -6.40 -24.96 5.30
CA ASP A 72 -6.06 -26.22 5.94
C ASP A 72 -5.11 -27.08 5.11
N THR A 73 -5.37 -27.20 3.80
CA THR A 73 -4.54 -28.02 2.96
C THR A 73 -3.38 -27.21 2.36
N VAL A 74 -2.27 -27.90 2.11
CA VAL A 74 -1.11 -27.27 1.49
C VAL A 74 -1.42 -26.87 0.06
N GLU A 75 -2.21 -27.71 -0.64
CA GLU A 75 -2.52 -27.43 -2.04
C GLU A 75 -3.29 -26.12 -2.19
N HIS A 76 -4.18 -25.83 -1.23
CA HIS A 76 -4.91 -24.56 -1.28
C HIS A 76 -3.97 -23.38 -1.15
N ILE A 77 -2.98 -23.47 -0.26
CA ILE A 77 -2.01 -22.38 -0.11
C ILE A 77 -1.17 -22.23 -1.37
N ARG A 78 -0.78 -23.36 -1.97
CA ARG A 78 -0.03 -23.29 -3.22
C ARG A 78 -0.85 -22.62 -4.32
N ALA A 79 -2.14 -22.96 -4.39
CA ALA A 79 -3.01 -22.31 -5.36
C ALA A 79 -3.14 -20.82 -5.07
N ALA A 80 -3.17 -20.44 -3.80
CA ALA A 80 -3.22 -19.03 -3.44
C ALA A 80 -1.96 -18.30 -3.92
N CYS A 81 -0.79 -18.90 -3.69
CA CYS A 81 0.45 -18.29 -4.15
C CYS A 81 0.45 -18.16 -5.66
N GLY A 82 -0.04 -19.18 -6.36
CA GLY A 82 -0.16 -19.07 -7.81
C GLY A 82 -1.09 -17.96 -8.23
N GLU A 83 -2.25 -17.86 -7.58
CA GLU A 83 -3.24 -16.86 -7.96
C GLU A 83 -2.77 -15.44 -7.66
N CYS A 84 -1.87 -15.25 -6.69
CA CYS A 84 -1.37 -13.93 -6.38
C CYS A 84 -0.14 -13.55 -7.18
N HIS A 85 0.89 -14.41 -7.19
CA HIS A 85 2.15 -14.10 -7.84
C HIS A 85 2.23 -14.58 -9.28
N ARG A 86 1.14 -15.13 -9.84
CA ARG A 86 1.13 -15.58 -11.22
C ARG A 86 -0.19 -15.22 -11.89
N THR A 87 -0.79 -14.11 -11.49
CA THR A 87 -2.09 -13.71 -12.01
C THR A 87 -1.94 -13.02 -13.35
N SER A 88 -3.07 -12.61 -13.94
CA SER A 88 -3.08 -11.93 -15.23
C SER A 88 -2.66 -10.49 -14.99
N VAL A 89 -1.37 -10.21 -15.12
CA VAL A 89 -0.83 -8.89 -14.87
C VAL A 89 -0.54 -8.17 -16.18
N VAL A 90 0.31 -8.76 -17.02
CA VAL A 90 0.65 -8.21 -18.33
C VAL A 90 0.33 -9.20 -19.44
N GLY A 91 0.72 -10.46 -19.26
CA GLY A 91 0.45 -11.49 -20.24
C GLY A 91 0.48 -12.85 -19.57
N THR A 92 0.28 -13.88 -20.37
CA THR A 92 0.25 -15.23 -19.85
C THR A 92 1.60 -15.63 -19.27
N PHE A 93 1.57 -16.22 -18.09
CA PHE A 93 2.77 -16.76 -17.47
C PHE A 93 3.12 -18.09 -18.13
N ALA A 94 4.11 -18.78 -17.60
CA ALA A 94 4.51 -20.07 -18.11
C ALA A 94 3.69 -21.17 -17.45
N SER A 95 3.13 -22.06 -18.25
CA SER A 95 2.29 -23.14 -17.73
C SER A 95 2.36 -24.31 -18.70
N GLY A 96 1.99 -25.48 -18.20
CA GLY A 96 1.98 -26.68 -19.01
C GLY A 96 1.34 -27.81 -18.25
N ASP A 97 1.07 -28.90 -18.99
CA ASP A 97 0.45 -30.08 -18.39
C ASP A 97 1.05 -31.38 -18.92
N GLY A 98 2.33 -31.39 -19.26
CA GLY A 98 2.92 -32.58 -19.83
C GLY A 98 2.52 -32.81 -21.28
N THR A 99 1.21 -32.89 -21.53
CA THR A 99 0.73 -33.04 -22.90
C THR A 99 1.13 -31.85 -23.76
N SER A 100 1.06 -30.65 -23.20
CA SER A 100 1.45 -29.44 -23.89
C SER A 100 1.98 -28.44 -22.87
N ALA A 101 2.71 -27.45 -23.37
CA ALA A 101 3.25 -26.40 -22.52
C ALA A 101 3.12 -25.05 -23.22
N THR A 102 2.65 -24.05 -22.49
CA THR A 102 2.53 -22.71 -23.02
C THR A 102 3.78 -21.92 -22.66
N PRO A 103 4.53 -21.41 -23.63
CA PRO A 103 5.76 -20.68 -23.31
C PRO A 103 5.46 -19.44 -22.49
N GLY A 104 6.34 -19.18 -21.52
CA GLY A 104 6.21 -17.97 -20.74
C GLY A 104 6.47 -16.72 -21.56
N GLN A 105 5.67 -15.70 -21.31
CA GLN A 105 5.74 -14.48 -22.12
C GLN A 105 6.68 -13.44 -21.51
N GLU A 106 6.44 -13.08 -20.25
CA GLU A 106 7.28 -12.09 -19.58
C GLU A 106 7.85 -12.56 -18.26
N ALA A 107 7.48 -13.75 -17.79
CA ALA A 107 8.01 -14.28 -16.53
C ALA A 107 7.70 -15.76 -16.46
N HIS A 108 8.72 -16.56 -16.13
CA HIS A 108 8.57 -18.02 -16.15
C HIS A 108 7.93 -18.53 -14.87
N ALA A 109 8.59 -18.31 -13.72
CA ALA A 109 8.14 -18.90 -12.48
C ALA A 109 7.13 -18.01 -11.76
N ALA A 110 7.54 -16.80 -11.38
CA ALA A 110 6.65 -15.88 -10.68
C ALA A 110 7.22 -14.47 -10.81
N ALA A 111 6.36 -13.50 -10.56
CA ALA A 111 6.75 -12.10 -10.67
C ALA A 111 6.22 -11.34 -9.45
N THR A 112 7.07 -10.47 -8.90
CA THR A 112 6.62 -9.58 -7.85
C THR A 112 5.60 -8.60 -8.41
N ILE A 113 4.51 -8.39 -7.69
CA ILE A 113 3.44 -7.51 -8.15
C ILE A 113 3.11 -6.52 -7.05
N ALA A 114 2.70 -5.32 -7.45
CA ALA A 114 2.37 -4.27 -6.50
C ALA A 114 1.11 -4.63 -5.72
N CYS A 115 1.00 -4.07 -4.52
CA CYS A 115 -0.16 -4.32 -3.67
C CYS A 115 -1.45 -3.90 -4.38
N MET A 116 -1.35 -2.96 -5.32
CA MET A 116 -2.51 -2.32 -5.89
C MET A 116 -2.89 -2.87 -7.27
N ALA A 117 -1.97 -3.56 -7.95
CA ALA A 117 -2.25 -3.96 -9.33
C ALA A 117 -3.52 -4.79 -9.44
N CYS A 118 -3.87 -5.52 -8.40
CA CYS A 118 -5.17 -6.17 -8.32
C CYS A 118 -6.25 -5.21 -7.86
N HIS A 119 -5.95 -4.37 -6.86
CA HIS A 119 -6.92 -3.45 -6.29
C HIS A 119 -6.81 -2.08 -6.96
N GLU A 120 -7.18 -2.05 -8.24
CA GLU A 120 -7.08 -0.80 -8.97
C GLU A 120 -8.41 -0.44 -9.63
N PHE A 121 -9.07 -1.42 -10.24
CA PHE A 121 -10.38 -1.22 -10.87
C PHE A 121 -11.27 -2.41 -10.55
N GLY A 122 -12.55 -2.13 -10.35
CA GLY A 122 -13.53 -3.16 -10.10
C GLY A 122 -14.59 -3.23 -11.18
N PRO A 123 -15.83 -2.86 -10.83
CA PRO A 123 -16.92 -2.98 -11.80
C PRO A 123 -16.91 -1.89 -12.86
N ASN A 124 -16.35 -0.72 -12.55
CA ASN A 124 -16.36 0.37 -13.52
C ASN A 124 -15.56 0.00 -14.77
N GLY A 125 -14.31 -0.43 -14.59
CA GLY A 125 -13.49 -0.88 -15.68
C GLY A 125 -13.41 -2.38 -15.76
N ASN A 126 -12.29 -2.86 -16.29
CA ASN A 126 -12.01 -4.29 -16.37
C ASN A 126 -11.20 -4.72 -15.16
N ALA A 127 -11.92 -5.23 -14.16
CA ALA A 127 -11.29 -5.64 -12.92
C ALA A 127 -10.37 -6.83 -13.17
N PRO A 128 -9.29 -6.97 -12.39
CA PRO A 128 -8.44 -8.16 -12.52
C PRO A 128 -9.12 -9.42 -12.00
N TYR A 129 -9.75 -9.34 -10.83
CA TYR A 129 -10.54 -10.43 -10.28
C TYR A 129 -12.00 -9.99 -10.17
N SER A 130 -12.89 -10.81 -10.69
CA SER A 130 -14.33 -10.63 -10.47
C SER A 130 -14.62 -10.91 -9.00
N GLY A 131 -14.86 -9.86 -8.24
CA GLY A 131 -15.02 -9.99 -6.80
C GLY A 131 -14.03 -9.14 -6.05
N ALA A 132 -12.95 -8.74 -6.73
CA ALA A 132 -11.98 -7.86 -6.12
C ALA A 132 -12.60 -6.47 -5.93
N PRO A 133 -12.48 -5.88 -4.75
CA PRO A 133 -13.05 -4.54 -4.53
C PRO A 133 -12.08 -3.45 -4.91
N VAL A 134 -12.52 -2.49 -5.72
CA VAL A 134 -11.69 -1.35 -6.05
C VAL A 134 -11.37 -0.59 -4.76
N ALA A 135 -10.12 -0.16 -4.62
CA ALA A 135 -9.57 0.19 -3.33
C ALA A 135 -9.33 1.69 -3.20
N GLY A 136 -9.76 2.24 -2.08
CA GLY A 136 -9.32 3.56 -1.66
C GLY A 136 -9.99 4.71 -2.36
N GLY A 137 -9.26 5.36 -3.25
CA GLY A 137 -9.70 6.58 -3.87
C GLY A 137 -8.77 7.74 -3.54
N PHE A 138 -7.89 8.07 -4.48
CA PHE A 138 -6.96 9.18 -4.33
C PHE A 138 -6.83 9.85 -5.69
N ASP A 139 -6.30 11.07 -5.67
CA ASP A 139 -5.93 11.70 -6.93
C ASP A 139 -4.73 10.97 -7.54
N ASN A 140 -4.66 10.97 -8.86
CA ASN A 140 -3.57 10.29 -9.55
C ASN A 140 -2.22 10.85 -9.12
N VAL A 141 -1.29 9.97 -8.77
CA VAL A 141 0.04 10.39 -8.34
C VAL A 141 0.83 10.76 -9.60
N THR A 142 0.96 12.06 -9.85
CA THR A 142 1.73 12.59 -10.98
C THR A 142 2.68 13.63 -10.40
N THR A 143 3.85 13.18 -9.96
CA THR A 143 4.84 14.06 -9.37
C THR A 143 5.66 14.74 -10.45
N ASP A 144 6.61 15.56 -10.03
CA ASP A 144 7.51 16.23 -10.96
C ASP A 144 8.54 15.30 -11.56
N THR A 145 8.79 14.16 -10.93
CA THR A 145 9.80 13.22 -11.40
C THR A 145 9.20 11.89 -11.86
N ALA A 146 8.40 11.24 -11.01
CA ALA A 146 7.85 9.93 -11.32
C ALA A 146 6.33 9.98 -11.18
N SER A 147 5.69 8.90 -11.62
CA SER A 147 4.24 8.76 -11.56
C SER A 147 3.90 7.28 -11.64
N SER A 148 2.61 6.97 -11.64
CA SER A 148 2.15 5.60 -11.72
C SER A 148 1.13 5.45 -12.84
N PRO A 149 1.16 4.34 -13.58
CA PRO A 149 0.18 4.15 -14.66
C PRO A 149 -1.20 3.78 -14.15
N TYR A 150 -1.31 3.30 -12.91
CA TYR A 150 -2.61 2.92 -12.38
C TYR A 150 -3.48 4.16 -12.20
N ASN A 151 -4.76 4.02 -12.51
CA ASN A 151 -5.70 5.14 -12.49
C ASN A 151 -6.31 5.22 -11.10
N TYR A 152 -5.75 6.13 -10.28
CA TYR A 152 -6.19 6.26 -8.89
C TYR A 152 -7.61 6.78 -8.78
N ASP A 153 -7.95 7.81 -9.56
CA ASP A 153 -9.20 8.53 -9.34
C ASP A 153 -10.44 7.67 -9.57
N ASN A 154 -10.30 6.54 -10.28
CA ASN A 154 -11.39 5.61 -10.53
C ASN A 154 -12.53 6.26 -11.31
N GLY A 155 -12.26 7.38 -11.98
CA GLY A 155 -13.28 8.07 -12.74
C GLY A 155 -13.78 9.34 -12.07
N ASP A 156 -13.97 9.30 -10.76
CA ASP A 156 -14.44 10.47 -10.01
C ASP A 156 -13.28 11.42 -9.72
N THR A 157 -12.71 11.95 -10.81
CA THR A 157 -11.52 12.77 -10.70
C THR A 157 -11.74 14.02 -9.87
N THR A 158 -12.89 14.68 -10.05
CA THR A 158 -13.16 15.89 -9.30
C THR A 158 -13.60 15.57 -7.86
N TYR A 159 -13.98 14.33 -7.61
CA TYR A 159 -14.59 13.96 -6.33
C TYR A 159 -13.56 13.54 -5.28
N GLY A 160 -12.81 12.46 -5.54
CA GLY A 160 -11.94 11.94 -4.50
C GLY A 160 -10.63 12.71 -4.40
N THR A 161 -10.57 13.63 -3.44
CA THR A 161 -9.38 14.46 -3.26
C THR A 161 -9.00 14.70 -1.80
N LYS A 162 -9.88 14.44 -0.83
CA LYS A 162 -9.68 14.90 0.54
C LYS A 162 -9.02 13.84 1.42
N GLU A 163 -8.16 13.00 0.86
CA GLU A 163 -7.40 12.04 1.66
C GLU A 163 -6.27 12.79 2.37
N ALA A 164 -6.33 12.76 3.69
CA ALA A 164 -5.32 13.42 4.51
C ALA A 164 -3.96 12.77 4.34
N HIS A 165 -3.92 11.44 4.32
CA HIS A 165 -2.65 10.73 4.23
C HIS A 165 -1.98 10.96 2.88
N GLN A 166 -2.75 10.85 1.80
CA GLN A 166 -2.35 11.09 0.41
C GLN A 166 -0.85 11.09 0.13
N THR A 167 -0.16 12.15 0.57
CA THR A 167 1.26 12.31 0.25
C THR A 167 2.12 11.16 0.76
N PHE A 168 1.64 10.42 1.75
CA PHE A 168 2.34 9.21 2.18
C PHE A 168 2.50 8.24 1.02
N ILE A 169 1.45 8.08 0.21
CA ILE A 169 1.54 7.21 -0.96
C ILE A 169 2.44 7.83 -2.02
N GLU A 170 2.35 9.15 -2.21
CA GLU A 170 3.15 9.81 -3.23
C GLU A 170 4.64 9.65 -2.97
N ARG A 171 5.07 9.87 -1.72
CA ARG A 171 6.48 9.74 -1.40
C ARG A 171 6.96 8.30 -1.55
N ALA A 172 6.10 7.33 -1.23
CA ALA A 172 6.46 5.93 -1.46
C ALA A 172 6.65 5.66 -2.95
N VAL A 173 5.77 6.20 -3.79
CA VAL A 173 5.92 6.03 -5.23
C VAL A 173 7.21 6.67 -5.71
N GLU A 174 7.56 7.84 -5.17
CA GLU A 174 8.74 8.56 -5.62
C GLU A 174 10.02 7.76 -5.38
N ASP A 175 10.14 7.15 -4.20
CA ASP A 175 11.35 6.44 -3.82
C ASP A 175 11.16 4.95 -4.10
N LYS A 176 12.02 4.39 -4.96
CA LYS A 176 11.93 2.99 -5.34
C LYS A 176 12.60 2.14 -4.27
N THR A 177 11.81 1.78 -3.26
CA THR A 177 12.25 0.81 -2.25
C THR A 177 11.50 -0.50 -2.38
N LEU A 178 10.19 -0.45 -2.55
CA LEU A 178 9.38 -1.59 -2.95
C LEU A 178 8.79 -1.31 -4.33
N ILE A 179 8.31 -2.36 -4.98
CA ILE A 179 7.87 -2.20 -6.36
C ILE A 179 6.63 -1.31 -6.41
N ASP A 180 6.68 -0.30 -7.28
CA ASP A 180 5.60 0.66 -7.49
C ASP A 180 5.20 1.37 -6.20
N SER A 181 4.01 1.06 -5.68
CA SER A 181 3.44 1.82 -4.58
C SER A 181 3.14 0.95 -3.37
N ASN A 182 4.08 0.10 -2.96
CA ASN A 182 3.87 -0.77 -1.82
C ASN A 182 4.53 -0.26 -0.55
N GLU A 183 5.50 0.66 -0.67
CA GLU A 183 6.25 1.10 0.50
C GLU A 183 5.34 1.69 1.56
N ALA A 184 4.34 2.46 1.15
CA ALA A 184 3.37 3.00 2.08
C ALA A 184 2.14 2.12 2.25
N CYS A 185 1.69 1.47 1.17
CA CYS A 185 0.50 0.64 1.23
C CYS A 185 0.67 -0.55 2.17
N ILE A 186 1.89 -1.07 2.32
CA ILE A 186 2.15 -2.19 3.21
C ILE A 186 2.33 -1.75 4.65
N ALA A 187 2.45 -0.45 4.91
CA ALA A 187 2.83 0.02 6.24
C ALA A 187 1.70 -0.19 7.25
N CYS A 188 0.48 0.21 6.90
CA CYS A 188 -0.60 0.22 7.88
C CYS A 188 -1.64 -0.87 7.69
N HIS A 189 -1.50 -1.74 6.69
CA HIS A 189 -2.37 -2.91 6.61
C HIS A 189 -1.71 -4.20 7.09
N THR A 190 -0.39 -4.27 7.17
CA THR A 190 0.30 -5.54 7.38
C THR A 190 0.95 -5.60 8.76
N TYR A 191 1.43 -6.80 9.11
CA TYR A 191 2.20 -7.02 10.34
C TYR A 191 3.65 -6.62 10.11
N VAL A 192 3.85 -5.33 9.92
CA VAL A 192 5.19 -4.81 9.65
C VAL A 192 5.52 -3.75 10.70
N PRO A 193 6.37 -4.06 11.68
CA PRO A 193 6.77 -3.04 12.66
C PRO A 193 7.46 -1.87 11.98
N VAL A 194 7.16 -0.67 12.47
CA VAL A 194 7.70 0.56 11.89
C VAL A 194 8.16 1.47 13.01
N LYS A 195 9.29 2.15 12.78
CA LYS A 195 9.78 3.19 13.67
C LYS A 195 9.91 4.47 12.85
N ILE A 196 9.24 5.53 13.30
CA ILE A 196 9.23 6.80 12.58
C ILE A 196 9.60 7.91 13.54
N ASN A 197 10.13 8.99 12.98
CA ASN A 197 10.52 10.17 13.74
C ASN A 197 9.48 11.26 13.46
N TRP A 198 8.64 11.54 14.45
CA TRP A 198 7.68 12.61 14.33
C TRP A 198 8.35 13.96 14.60
N THR A 199 7.81 14.99 13.97
CA THR A 199 8.27 16.35 14.22
C THR A 199 7.07 17.25 14.45
N HIS A 200 7.22 18.17 15.39
CA HIS A 200 6.26 19.25 15.61
C HIS A 200 6.94 20.31 16.45
N LYS A 201 6.88 21.55 16.00
CA LYS A 201 7.63 22.64 16.59
C LYS A 201 7.03 22.93 17.96
N VAL A 202 7.83 23.51 18.87
CA VAL A 202 7.29 23.73 20.22
C VAL A 202 6.15 24.73 20.19
N SER A 203 6.32 25.85 19.49
CA SER A 203 5.34 26.91 19.58
C SER A 203 5.14 27.60 18.24
N LEU A 204 3.87 27.94 17.97
CA LEU A 204 3.46 28.76 16.84
C LEU A 204 2.60 29.90 17.37
N GLU A 205 2.98 31.20 17.50
CA GLU A 205 1.95 32.27 17.97
C GLU A 205 1.70 33.61 17.13
N PHE A 206 0.91 34.59 17.60
CA PHE A 206 0.45 35.76 16.79
C PHE A 206 0.11 37.09 17.51
N ASN A 207 0.12 38.25 16.82
CA ASN A 207 -0.26 39.54 17.50
C ASN A 207 -1.53 40.35 17.11
N CYS A 208 -1.60 41.68 17.22
CA CYS A 208 -2.94 42.26 17.23
C CYS A 208 -2.84 43.75 17.04
N THR A 209 -3.70 44.31 16.18
CA THR A 209 -3.66 45.73 15.86
C THR A 209 -5.06 46.33 15.98
N TYR A 210 -5.09 47.63 16.20
CA TYR A 210 -6.32 48.40 16.35
C TYR A 210 -6.75 49.01 15.02
N GLU A 211 -8.01 49.43 14.98
CA GLU A 211 -8.59 50.02 13.76
C GLU A 211 -8.56 51.54 13.89
N TYR A 212 -7.36 52.10 13.73
CA TYR A 212 -7.09 53.53 13.62
C TYR A 212 -7.34 54.29 14.92
N ASN A 213 -7.85 53.64 15.96
CA ASN A 213 -8.18 54.32 17.21
C ASN A 213 -7.63 53.51 18.38
N THR A 214 -7.02 54.19 19.34
CA THR A 214 -6.57 53.61 20.60
C THR A 214 -5.96 54.72 21.45
N GLY A 215 -5.55 54.37 22.67
CA GLY A 215 -4.95 55.33 23.58
C GLY A 215 -5.47 55.25 25.00
N THR A 216 -5.63 56.41 25.65
CA THR A 216 -6.29 56.48 26.96
C THR A 216 -7.79 56.31 26.77
N SER A 217 -8.15 55.10 26.38
CA SER A 217 -9.54 54.66 26.31
C SER A 217 -9.69 53.24 26.82
N GLY A 218 -8.66 52.71 27.46
CA GLY A 218 -8.65 51.32 27.88
C GLY A 218 -8.45 50.40 26.69
N VAL A 219 -9.35 50.50 25.71
CA VAL A 219 -9.30 49.65 24.52
C VAL A 219 -10.22 50.26 23.47
N THR A 220 -9.91 50.00 22.20
CA THR A 220 -10.77 50.43 21.11
C THR A 220 -11.97 49.50 20.98
N THR A 221 -13.00 49.98 20.27
CA THR A 221 -14.20 49.18 20.07
C THR A 221 -13.90 47.88 19.33
N HIS A 222 -12.96 47.90 18.40
CA HIS A 222 -12.65 46.73 17.61
C HIS A 222 -11.15 46.67 17.32
N TYR A 223 -10.66 45.47 17.03
CA TYR A 223 -9.25 45.23 16.74
C TYR A 223 -9.11 44.54 15.38
N ASN A 224 -7.87 44.16 15.07
CA ASN A 224 -7.54 43.30 13.95
C ASN A 224 -6.31 42.49 14.33
N VAL A 225 -6.21 41.28 13.79
CA VAL A 225 -5.13 40.36 14.12
C VAL A 225 -4.43 39.92 12.85
N THR A 226 -3.10 39.93 12.87
CA THR A 226 -2.28 39.54 11.73
C THR A 226 -1.08 38.76 12.23
N ASN A 227 -0.42 38.08 11.29
CA ASN A 227 0.85 37.38 11.52
C ASN A 227 0.68 36.14 12.39
N TRP A 228 1.52 35.13 12.17
CA TRP A 228 1.53 33.91 12.98
C TRP A 228 2.96 33.42 13.04
N THR A 229 3.63 33.63 14.17
CA THR A 229 5.07 33.40 14.29
C THR A 229 5.34 32.08 15.00
N VAL A 230 6.62 31.72 15.07
CA VAL A 230 7.06 30.39 15.51
C VAL A 230 8.18 30.54 16.54
N ASN A 231 8.36 29.52 17.39
CA ASN A 231 9.42 29.57 18.40
C ASN A 231 9.67 28.18 18.98
N GLY A 232 10.92 27.71 18.92
CA GLY A 232 11.37 26.50 19.61
C GLY A 232 10.84 25.21 19.01
N THR A 233 11.69 24.18 19.04
CA THR A 233 11.47 22.98 18.24
C THR A 233 11.42 21.75 19.14
N ARG A 234 10.58 20.79 18.77
CA ARG A 234 10.42 19.54 19.51
C ARG A 234 10.49 18.35 18.56
N TYR A 235 11.00 17.24 19.06
CA TYR A 235 11.12 15.99 18.32
C TYR A 235 10.30 14.90 19.01
N THR A 236 10.02 13.82 18.27
CA THR A 236 9.28 12.69 18.80
C THR A 236 9.58 11.45 17.97
N THR A 237 9.74 10.32 18.65
CA THR A 237 10.02 9.04 18.00
C THR A 237 9.12 7.97 18.61
N VAL A 238 8.62 7.07 17.76
CA VAL A 238 7.69 6.03 18.17
C VAL A 238 8.03 4.72 17.47
N PHE A 239 7.90 3.61 18.19
CA PHE A 239 8.11 2.27 17.67
C PHE A 239 6.81 1.48 17.80
N GLY A 240 6.42 0.80 16.72
CA GLY A 240 5.21 0.00 16.74
C GLY A 240 5.49 -1.48 16.51
N ASN A 241 4.89 -2.33 17.34
CA ASN A 241 5.16 -3.77 17.26
C ASN A 241 4.28 -4.42 16.20
N THR A 242 4.37 -5.74 16.13
CA THR A 242 3.64 -6.49 15.10
C THR A 242 2.13 -6.44 15.31
N THR A 243 1.68 -6.45 16.57
CA THR A 243 0.26 -6.51 16.87
C THR A 243 -0.41 -5.15 16.80
N GLY A 244 0.32 -4.09 16.47
CA GLY A 244 -0.27 -2.77 16.33
C GLY A 244 -0.26 -1.92 17.58
N ASN A 245 0.21 -2.44 18.71
CA ASN A 245 0.27 -1.64 19.92
C ASN A 245 1.23 -0.47 19.72
N GLY A 246 0.80 0.71 20.16
CA GLY A 246 1.60 1.91 19.97
C GLY A 246 2.33 2.33 21.23
N SER A 247 3.65 2.15 21.24
CA SER A 247 4.50 2.56 22.34
C SER A 247 5.43 3.65 21.86
N VAL A 248 5.42 4.79 22.54
CA VAL A 248 6.21 5.95 22.17
C VAL A 248 7.33 6.13 23.19
N ASN A 249 8.53 6.38 22.70
CA ASN A 249 9.68 6.68 23.55
C ASN A 249 9.87 8.18 23.66
N ASP A 250 8.87 8.82 24.26
CA ASP A 250 8.86 10.27 24.43
C ASP A 250 9.93 10.72 25.42
#